data_7E08
#
_entry.id   7E08
#
_cell.length_a   75.289
_cell.length_b   75.289
_cell.length_c   144.544
_cell.angle_alpha   90.000
_cell.angle_beta   90.000
_cell.angle_gamma   90.000
#
_symmetry.space_group_name_H-M   'P 41 2 2'
#
loop_
_entity.id
_entity.type
_entity.pdbx_description
1 polymer 'Phytanoyl-CoA dioxygenase'
2 non-polymer 4-HYDROXYPROLINE
3 water water
#
_entity_poly.entity_id   1
_entity_poly.type   'polypeptide(L)'
_entity_poly.pdbx_seq_one_letter_code
;MEPHDTLSPAQVDEYRKNGFLVQEHVFDEEEIELLRAEAAQEFASGGERVTVEQNTGIVRGVHGCHLYSEVFGRLVRSPR
LLPIARQLLRDDVYVHQFKINAKRAFKGEVWEWHQDYTFWHHEDGMPAPRALSAAIFLDEVTEFNGPLTFVPGGHGSGMI
DADVKGEGWANTLTASLKYSLDVETMRGLIERNGMVAPKGPRGSVLWFDANIPHSSVPNISPFDRGLVLITYNSVENKTD
VTRGTRPEWLAARDFTPLTALQATSF
;
_entity_poly.pdbx_strand_id   A
#
# COMPACT_ATOMS: atom_id res chain seq x y z
N MET A 1 24.99 -5.32 -1.95
CA MET A 1 23.73 -5.45 -1.15
C MET A 1 24.06 -5.98 0.25
N GLU A 2 23.47 -5.37 1.28
CA GLU A 2 23.61 -5.85 2.68
C GLU A 2 22.86 -7.21 2.84
N PRO A 3 23.33 -8.09 3.78
CA PRO A 3 22.70 -9.38 3.96
C PRO A 3 21.22 -9.08 4.08
N HIS A 4 20.36 -9.78 3.27
CA HIS A 4 18.90 -9.51 3.21
C HIS A 4 18.40 -9.17 4.53
N ASP A 5 17.54 -8.12 4.58
CA ASP A 5 17.00 -7.65 5.88
C ASP A 5 15.91 -8.64 6.32
N THR A 6 15.72 -8.96 7.61
CA THR A 6 14.45 -9.53 8.02
C THR A 6 13.95 -8.89 9.32
N LEU A 7 12.73 -9.19 9.64
CA LEU A 7 12.06 -8.65 10.86
C LEU A 7 12.42 -9.53 12.04
N SER A 8 12.60 -8.92 13.21
CA SER A 8 12.84 -9.75 14.38
C SER A 8 11.59 -10.55 14.72
N PRO A 9 11.70 -11.54 15.57
CA PRO A 9 10.47 -12.18 16.01
C PRO A 9 9.45 -11.27 16.75
N ALA A 10 9.92 -10.26 17.48
CA ALA A 10 9.02 -9.28 18.15
C ALA A 10 8.30 -8.50 17.07
N GLN A 11 9.07 -8.05 16.08
CA GLN A 11 8.47 -7.30 14.93
C GLN A 11 7.39 -8.12 14.22
N VAL A 12 7.68 -9.40 13.97
CA VAL A 12 6.66 -10.23 13.34
C VAL A 12 5.39 -10.33 14.15
N ASP A 13 5.57 -10.59 15.45
CA ASP A 13 4.44 -10.76 16.41
C ASP A 13 3.65 -9.49 16.45
N GLU A 14 4.37 -8.38 16.54
CA GLU A 14 3.67 -7.11 16.46
C GLU A 14 2.89 -6.92 15.18
N TYR A 15 3.51 -7.23 13.98
CA TYR A 15 2.75 -7.14 12.77
C TYR A 15 1.53 -8.02 12.75
N ARG A 16 1.69 -9.28 13.22
CA ARG A 16 0.52 -10.20 13.13
C ARG A 16 -0.64 -9.80 14.10
N LYS A 17 -0.24 -9.43 15.27
CA LYS A 17 -1.22 -8.94 16.33
C LYS A 17 -1.94 -7.66 15.86
N ASN A 18 -1.15 -6.64 15.56
CA ASN A 18 -1.75 -5.36 15.09
C ASN A 18 -2.21 -5.23 13.71
N GLY A 19 -1.52 -5.93 12.77
CA GLY A 19 -1.94 -5.83 11.40
C GLY A 19 -1.03 -4.76 10.64
N PHE A 20 -0.08 -4.12 11.32
CA PHE A 20 0.81 -3.12 10.72
C PHE A 20 2.04 -2.98 11.52
N LEU A 21 3.10 -2.43 10.95
CA LEU A 21 4.31 -2.31 11.64
C LEU A 21 5.11 -1.24 10.88
N VAL A 22 5.80 -0.39 11.60
CA VAL A 22 6.70 0.59 11.02
C VAL A 22 8.10 0.27 11.21
N GLN A 23 8.89 0.26 10.11
CA GLN A 23 10.33 0.25 10.23
C GLN A 23 10.81 1.60 9.94
N GLU A 24 11.54 2.24 10.86
CA GLU A 24 12.02 3.63 10.61
C GLU A 24 13.28 3.64 9.77
N HIS A 25 13.41 4.67 8.95
CA HIS A 25 14.70 4.95 8.31
C HIS A 25 15.27 3.79 7.45
N VAL A 26 14.41 3.12 6.72
CA VAL A 26 14.82 2.05 5.82
C VAL A 26 15.65 2.62 4.66
N PHE A 27 15.15 3.71 4.06
CA PHE A 27 15.84 4.39 3.00
C PHE A 27 16.41 5.67 3.51
N ASP A 28 17.54 6.08 2.94
CA ASP A 28 18.10 7.41 3.28
C ASP A 28 17.62 8.52 2.49
N GLU A 29 18.06 9.74 2.83
CA GLU A 29 17.51 10.88 2.14
C GLU A 29 17.73 10.94 0.69
N GLU A 30 18.99 10.58 0.29
CA GLU A 30 19.33 10.54 -1.10
C GLU A 30 18.49 9.49 -1.91
N GLU A 31 18.28 8.34 -1.31
CA GLU A 31 17.41 7.32 -1.87
C GLU A 31 16.01 7.80 -2.06
N ILE A 32 15.50 8.49 -1.00
CA ILE A 32 14.19 9.03 -1.11
C ILE A 32 14.02 10.05 -2.15
N GLU A 33 15.07 10.93 -2.31
CA GLU A 33 14.98 11.91 -3.34
C GLU A 33 14.93 11.29 -4.73
N LEU A 34 15.71 10.23 -4.95
CA LEU A 34 15.61 9.49 -6.23
C LEU A 34 14.24 9.02 -6.47
N LEU A 35 13.60 8.43 -5.44
CA LEU A 35 12.20 7.95 -5.58
C LEU A 35 11.18 9.09 -5.82
N ARG A 36 11.39 10.21 -5.08
CA ARG A 36 10.56 11.35 -5.34
C ARG A 36 10.62 11.88 -6.74
N ALA A 37 11.85 12.00 -7.26
CA ALA A 37 12.00 12.43 -8.65
C ALA A 37 11.35 11.53 -9.60
N GLU A 38 11.49 10.21 -9.42
CA GLU A 38 10.80 9.28 -10.31
C GLU A 38 9.30 9.35 -10.23
N ALA A 39 8.79 9.47 -9.01
CA ALA A 39 7.32 9.68 -8.80
C ALA A 39 6.78 10.90 -9.57
N ALA A 40 7.56 11.98 -9.52
CA ALA A 40 7.19 13.19 -10.26
C ALA A 40 7.15 12.91 -11.76
N GLN A 41 8.12 12.17 -12.28
CA GLN A 41 8.07 11.74 -13.68
C GLN A 41 6.93 10.88 -14.01
N GLU A 42 6.61 9.94 -13.12
CA GLU A 42 5.42 9.14 -13.36
C GLU A 42 4.13 9.94 -13.31
N PHE A 43 4.02 10.88 -12.38
CA PHE A 43 2.81 11.73 -12.38
C PHE A 43 2.68 12.56 -13.66
N ALA A 44 3.77 13.09 -14.16
CA ALA A 44 3.79 13.80 -15.46
C ALA A 44 3.43 12.93 -16.66
N SER A 45 3.96 11.71 -16.72
CA SER A 45 3.91 10.89 -17.95
C SER A 45 2.98 9.67 -17.90
N GLY A 46 2.25 9.42 -16.80
CA GLY A 46 1.50 8.17 -16.63
C GLY A 46 0.14 8.11 -17.32
N GLY A 47 -0.36 9.28 -17.79
CA GLY A 47 -1.59 9.30 -18.59
C GLY A 47 -2.81 8.71 -17.96
N GLU A 48 -3.40 7.65 -18.52
CA GLU A 48 -4.59 7.03 -17.89
C GLU A 48 -4.33 6.32 -16.56
N ARG A 49 -3.05 6.13 -16.20
CA ARG A 49 -2.70 5.51 -14.91
C ARG A 49 -2.71 6.52 -13.76
N VAL A 50 -2.86 7.81 -14.09
CA VAL A 50 -2.90 8.89 -13.07
C VAL A 50 -4.34 9.09 -12.57
N THR A 51 -4.51 9.65 -11.36
CA THR A 51 -5.79 10.00 -10.76
C THR A 51 -5.62 11.41 -10.11
N VAL A 52 -6.65 12.22 -10.18
CA VAL A 52 -6.58 13.60 -9.72
C VAL A 52 -7.73 13.87 -8.81
N GLU A 53 -7.48 14.62 -7.75
CA GLU A 53 -8.51 14.92 -6.76
C GLU A 53 -9.64 15.83 -7.27
N GLY A 57 -8.89 18.34 -9.48
CA GLY A 57 -7.64 18.47 -10.21
C GLY A 57 -6.54 18.22 -9.23
N ILE A 58 -5.29 18.38 -9.64
CA ILE A 58 -4.16 18.13 -8.76
C ILE A 58 -4.01 16.64 -8.63
N VAL A 59 -2.87 16.13 -9.06
CA VAL A 59 -2.60 14.71 -9.01
C VAL A 59 -2.73 14.19 -7.61
N ARG A 60 -3.38 13.08 -7.51
CA ARG A 60 -3.57 12.39 -6.25
C ARG A 60 -2.74 11.05 -6.24
N GLY A 61 -3.00 10.24 -7.27
CA GLY A 61 -2.39 8.91 -7.47
C GLY A 61 -1.83 8.57 -8.85
N VAL A 62 -0.84 7.65 -8.91
CA VAL A 62 -0.47 7.03 -10.22
C VAL A 62 -0.26 5.50 -9.88
N HIS A 63 -0.64 4.66 -10.80
CA HIS A 63 -0.71 3.19 -10.64
C HIS A 63 0.15 2.40 -11.62
N GLY A 64 0.70 1.25 -11.16
CA GLY A 64 1.44 0.41 -12.06
C GLY A 64 2.84 0.77 -12.44
N CYS A 65 3.47 1.69 -11.75
CA CYS A 65 4.71 2.24 -12.20
C CYS A 65 5.87 1.23 -12.34
N HIS A 66 5.84 0.18 -11.48
CA HIS A 66 6.95 -0.84 -11.58
C HIS A 66 6.98 -1.56 -12.91
N LEU A 67 5.88 -1.50 -13.68
CA LEU A 67 5.83 -2.09 -15.05
C LEU A 67 6.45 -1.22 -16.09
N TYR A 68 6.60 0.07 -15.81
CA TYR A 68 7.05 1.13 -16.77
C TYR A 68 8.27 1.86 -16.41
N SER A 69 8.71 1.76 -15.17
CA SER A 69 9.81 2.56 -14.72
C SER A 69 10.84 1.57 -14.30
N GLU A 70 12.05 1.71 -14.77
CA GLU A 70 13.08 0.81 -14.36
C GLU A 70 13.45 0.97 -12.87
N VAL A 71 13.53 2.21 -12.38
CA VAL A 71 13.75 2.49 -10.98
C VAL A 71 12.74 1.72 -10.10
N PHE A 72 11.47 1.88 -10.42
CA PHE A 72 10.45 1.29 -9.55
C PHE A 72 10.41 -0.24 -9.77
N GLY A 73 10.80 -0.71 -10.98
CA GLY A 73 10.92 -2.17 -11.20
C GLY A 73 12.00 -2.76 -10.33
N ARG A 74 13.07 -2.05 -10.12
CA ARG A 74 14.13 -2.47 -9.18
C ARG A 74 13.72 -2.37 -7.71
N LEU A 75 13.05 -1.27 -7.42
CA LEU A 75 12.61 -0.99 -6.02
C LEU A 75 11.85 -2.18 -5.48
N VAL A 76 10.96 -2.77 -6.24
CA VAL A 76 10.10 -3.83 -5.73
C VAL A 76 10.92 -5.10 -5.37
N ARG A 77 12.11 -5.21 -5.99
CA ARG A 77 13.05 -6.29 -5.73
C ARG A 77 14.10 -5.93 -4.73
N SER A 78 13.98 -4.75 -4.08
CA SER A 78 15.00 -4.31 -3.19
C SER A 78 15.29 -5.31 -2.02
N PRO A 79 16.54 -5.50 -1.63
CA PRO A 79 16.81 -6.36 -0.46
C PRO A 79 16.27 -5.82 0.87
N ARG A 80 15.87 -4.53 0.86
CA ARG A 80 15.19 -3.90 2.04
C ARG A 80 13.74 -4.32 2.11
N LEU A 81 13.13 -4.77 1.01
CA LEU A 81 11.67 -5.02 0.94
C LEU A 81 11.32 -6.44 0.67
N LEU A 82 11.86 -6.98 -0.47
CA LEU A 82 11.44 -8.31 -0.92
C LEU A 82 11.59 -9.37 0.16
N PRO A 83 12.71 -9.41 0.93
CA PRO A 83 12.82 -10.50 1.87
C PRO A 83 11.87 -10.46 3.04
N ILE A 84 11.49 -9.26 3.40
CA ILE A 84 10.40 -9.09 4.41
C ILE A 84 9.04 -9.46 3.94
N ALA A 85 8.69 -9.14 2.68
CA ALA A 85 7.50 -9.63 2.18
C ALA A 85 7.42 -11.20 2.12
N ARG A 86 8.49 -11.83 1.65
CA ARG A 86 8.55 -13.26 1.62
C ARG A 86 8.43 -13.84 3.07
N GLN A 87 9.00 -13.13 4.03
CA GLN A 87 9.00 -13.60 5.44
C GLN A 87 7.53 -13.51 5.99
N LEU A 88 6.85 -12.38 5.72
CA LEU A 88 5.52 -12.18 6.24
C LEU A 88 4.47 -13.00 5.52
N LEU A 89 4.62 -13.22 4.21
CA LEU A 89 3.67 -14.00 3.45
C LEU A 89 4.01 -15.51 3.41
N ARG A 90 5.20 -15.85 3.88
CA ARG A 90 5.68 -17.23 4.01
C ARG A 90 5.59 -17.92 2.65
N ASP A 91 6.02 -17.21 1.61
CA ASP A 91 5.99 -17.65 0.25
C ASP A 91 6.95 -16.87 -0.59
N ASP A 92 7.22 -17.33 -1.80
CA ASP A 92 7.69 -16.41 -2.84
C ASP A 92 6.52 -15.44 -3.16
N VAL A 93 6.88 -14.27 -3.65
CA VAL A 93 5.91 -13.20 -3.85
C VAL A 93 6.09 -12.50 -5.13
N TYR A 94 5.03 -11.79 -5.54
CA TYR A 94 5.02 -10.94 -6.72
C TYR A 94 4.23 -9.64 -6.37
N VAL A 95 4.35 -8.68 -7.23
CA VAL A 95 3.59 -7.41 -7.08
C VAL A 95 2.20 -7.49 -7.69
N HIS A 96 1.16 -7.43 -6.81
CA HIS A 96 -0.23 -7.34 -7.31
C HIS A 96 -0.54 -5.96 -7.81
N GLN A 97 -0.10 -4.96 -7.07
CA GLN A 97 -0.45 -3.56 -7.32
C GLN A 97 0.64 -2.64 -6.79
N PHE A 98 0.84 -1.55 -7.49
CA PHE A 98 1.83 -0.52 -7.17
C PHE A 98 1.08 0.83 -7.32
N LYS A 99 1.18 1.66 -6.33
CA LYS A 99 0.57 3.02 -6.53
C LYS A 99 1.34 4.02 -5.73
N ILE A 100 1.27 5.24 -6.24
CA ILE A 100 1.83 6.38 -5.52
C ILE A 100 0.68 7.36 -5.14
N ASN A 101 0.54 7.60 -3.86
CA ASN A 101 -0.60 8.46 -3.25
C ASN A 101 0.06 9.66 -2.59
N ALA A 102 -0.03 10.83 -3.20
CA ALA A 102 0.44 12.11 -2.54
C ALA A 102 -0.70 12.86 -1.83
N LYS A 103 -0.40 13.47 -0.71
CA LYS A 103 -1.29 14.47 -0.12
C LYS A 103 -0.48 15.65 0.09
N ARG A 104 -0.68 16.67 -0.75
CA ARG A 104 0.13 17.88 -0.68
C ARG A 104 -0.28 18.70 0.56
N ALA A 105 0.66 19.52 1.05
CA ALA A 105 0.45 20.45 2.18
C ALA A 105 -0.94 21.10 2.00
N PHE A 106 -1.68 21.32 3.10
CA PHE A 106 -3.04 21.99 3.00
C PHE A 106 -4.01 21.40 2.03
N LYS A 107 -3.67 20.30 1.39
CA LYS A 107 -4.67 19.63 0.56
C LYS A 107 -5.10 18.34 1.27
N GLY A 108 -5.87 17.52 0.54
CA GLY A 108 -6.15 16.18 0.91
C GLY A 108 -7.60 15.91 1.04
N GLU A 109 -7.91 14.62 0.93
CA GLU A 109 -9.26 14.08 1.09
C GLU A 109 -9.43 13.32 2.42
N VAL A 110 -10.67 13.30 2.93
CA VAL A 110 -11.11 12.23 3.86
C VAL A 110 -11.27 10.96 3.00
N TRP A 111 -10.59 9.88 3.38
CA TRP A 111 -10.75 8.53 2.72
C TRP A 111 -11.53 7.58 3.58
N GLU A 112 -12.64 7.13 2.96
CA GLU A 112 -13.59 6.19 3.51
C GLU A 112 -12.79 5.06 4.20
N TRP A 113 -13.18 4.69 5.41
CA TRP A 113 -12.70 3.50 6.05
C TRP A 113 -12.92 2.31 5.11
N HIS A 114 -11.93 1.40 5.04
CA HIS A 114 -12.02 0.28 4.10
C HIS A 114 -10.89 -0.74 4.33
N GLN A 115 -11.10 -1.88 3.69
CA GLN A 115 -10.11 -3.02 3.69
C GLN A 115 -9.71 -3.23 2.26
N ASP A 116 -8.38 -3.19 1.97
CA ASP A 116 -7.95 -3.38 0.57
C ASP A 116 -8.38 -4.73 0.03
N TYR A 117 -8.32 -5.74 0.87
CA TYR A 117 -8.61 -7.10 0.31
C TYR A 117 -10.00 -7.25 -0.30
N THR A 118 -10.95 -6.46 0.22
CA THR A 118 -12.29 -6.50 -0.38
C THR A 118 -12.29 -6.13 -1.82
N PHE A 119 -11.47 -5.16 -2.20
CA PHE A 119 -11.38 -4.80 -3.58
C PHE A 119 -10.68 -5.88 -4.37
N TRP A 120 -9.59 -6.39 -3.85
CA TRP A 120 -8.77 -7.31 -4.66
C TRP A 120 -9.55 -8.65 -4.82
N HIS A 121 -10.28 -9.03 -3.78
CA HIS A 121 -11.08 -10.29 -3.92
C HIS A 121 -12.14 -10.12 -4.97
N HIS A 122 -12.98 -9.09 -4.80
CA HIS A 122 -14.15 -8.91 -5.68
C HIS A 122 -13.81 -8.41 -7.00
N GLU A 123 -12.87 -7.45 -7.17
CA GLU A 123 -12.54 -6.94 -8.49
C GLU A 123 -11.51 -7.78 -9.24
N ASP A 124 -10.57 -8.41 -8.50
CA ASP A 124 -9.39 -9.02 -9.14
C ASP A 124 -9.37 -10.54 -9.05
N GLY A 125 -10.18 -11.13 -8.20
CA GLY A 125 -10.13 -12.55 -8.03
C GLY A 125 -9.08 -13.08 -7.07
N MET A 126 -8.63 -12.28 -6.13
CA MET A 126 -7.71 -12.74 -5.08
C MET A 126 -8.40 -13.72 -4.15
N PRO A 127 -7.93 -14.98 -4.08
CA PRO A 127 -8.73 -15.99 -3.34
C PRO A 127 -8.70 -15.91 -1.86
N ALA A 128 -7.61 -15.40 -1.27
CA ALA A 128 -7.48 -15.31 0.13
C ALA A 128 -6.70 -13.98 0.37
N PRO A 129 -6.71 -13.49 1.62
CA PRO A 129 -6.00 -12.23 2.00
C PRO A 129 -4.52 -12.43 2.37
N ARG A 130 -3.80 -13.28 1.62
CA ARG A 130 -2.41 -13.57 1.92
C ARG A 130 -1.56 -12.61 1.10
N ALA A 131 -1.76 -11.33 1.40
CA ALA A 131 -1.12 -10.22 0.67
C ALA A 131 -0.90 -9.13 1.69
N LEU A 132 -0.03 -8.18 1.39
CA LEU A 132 0.22 -7.04 2.24
C LEU A 132 0.77 -5.90 1.38
N SER A 133 0.74 -4.72 1.99
CA SER A 133 1.36 -3.53 1.37
C SER A 133 2.47 -2.96 2.16
N ALA A 134 3.51 -2.48 1.41
CA ALA A 134 4.61 -1.73 1.95
C ALA A 134 4.49 -0.29 1.48
N ALA A 135 4.29 0.59 2.49
CA ALA A 135 4.18 2.03 2.19
C ALA A 135 5.43 2.76 2.56
N ILE A 136 6.16 3.24 1.53
CA ILE A 136 7.42 3.91 1.74
C ILE A 136 7.14 5.42 1.94
N PHE A 137 7.68 5.96 3.00
CA PHE A 137 7.35 7.38 3.37
C PHE A 137 8.32 8.29 2.58
N LEU A 138 7.81 8.95 1.59
CA LEU A 138 8.59 9.94 0.82
C LEU A 138 8.72 11.25 1.62
N ASP A 139 7.86 11.43 2.61
CA ASP A 139 7.96 12.52 3.58
C ASP A 139 7.70 12.04 4.98
N GLU A 140 8.19 12.72 5.97
CA GLU A 140 7.85 12.37 7.39
C GLU A 140 6.31 12.31 7.44
N VAL A 141 5.81 11.27 8.14
CA VAL A 141 4.39 11.07 8.40
C VAL A 141 4.13 11.46 9.87
N THR A 142 3.24 12.43 10.01
CA THR A 142 2.93 13.08 11.37
C THR A 142 1.47 12.97 11.61
N GLU A 143 1.04 13.51 12.77
CA GLU A 143 -0.36 13.56 13.11
C GLU A 143 -1.19 14.39 12.18
N PHE A 144 -0.52 15.34 11.46
CA PHE A 144 -1.21 16.38 10.79
C PHE A 144 -1.17 16.41 9.31
N ASN A 145 -0.51 15.43 8.64
CA ASN A 145 -0.52 15.41 7.21
C ASN A 145 -1.21 14.22 6.62
N GLY A 146 -2.28 13.84 7.26
CA GLY A 146 -3.18 12.80 6.75
C GLY A 146 -2.65 11.36 6.75
N PRO A 147 -2.12 10.89 7.86
CA PRO A 147 -1.55 9.58 7.90
C PRO A 147 -2.55 8.53 7.73
N LEU A 148 -2.16 7.44 7.12
CA LEU A 148 -3.01 6.23 7.17
C LEU A 148 -3.33 5.90 8.59
N THR A 149 -4.60 5.59 8.80
CA THR A 149 -5.13 5.37 10.14
C THR A 149 -5.84 3.99 10.14
N PHE A 150 -5.48 3.21 11.11
CA PHE A 150 -5.90 1.80 11.19
C PHE A 150 -6.75 1.53 12.46
N VAL A 151 -7.46 0.43 12.36
CA VAL A 151 -7.90 -0.31 13.58
C VAL A 151 -6.98 -1.46 13.92
N PRO A 152 -6.13 -1.37 14.97
CA PRO A 152 -5.17 -2.40 15.33
C PRO A 152 -5.90 -3.69 15.65
N GLY A 153 -5.49 -4.79 15.03
CA GLY A 153 -6.18 -6.08 15.28
C GLY A 153 -7.40 -6.21 14.42
N GLY A 154 -7.74 -5.23 13.63
CA GLY A 154 -9.01 -5.24 12.86
C GLY A 154 -9.12 -6.15 11.69
N HIS A 155 -7.95 -6.66 11.31
CA HIS A 155 -7.83 -7.65 10.29
C HIS A 155 -8.27 -9.05 10.69
N GLY A 156 -8.36 -9.30 11.99
CA GLY A 156 -8.61 -10.62 12.56
C GLY A 156 -10.04 -11.04 12.36
N SER A 157 -10.91 -10.08 12.06
CA SER A 157 -12.25 -10.37 11.57
C SER A 157 -12.21 -11.16 10.25
N GLY A 158 -11.12 -11.11 9.51
CA GLY A 158 -11.22 -11.31 8.09
C GLY A 158 -12.04 -10.19 7.46
N MET A 159 -12.44 -10.46 6.22
CA MET A 159 -13.10 -9.52 5.36
C MET A 159 -14.46 -9.23 5.90
N ILE A 160 -14.92 -7.98 5.75
CA ILE A 160 -16.09 -7.46 6.45
C ILE A 160 -17.08 -7.02 5.45
N ASP A 161 -18.33 -7.47 5.61
CA ASP A 161 -19.39 -7.09 4.68
C ASP A 161 -19.40 -5.58 4.57
N ALA A 162 -19.60 -5.08 3.35
CA ALA A 162 -19.30 -3.70 3.06
C ALA A 162 -20.28 -3.09 2.10
N ASP A 163 -20.69 -1.85 2.40
CA ASP A 163 -21.42 -1.00 1.45
C ASP A 163 -20.68 -0.88 0.10
N VAL A 164 -21.41 -1.20 -0.98
CA VAL A 164 -20.97 -1.17 -2.36
C VAL A 164 -21.64 0.00 -3.09
N LYS A 165 -20.89 0.73 -3.91
CA LYS A 165 -21.40 1.93 -4.58
C LYS A 165 -20.65 2.03 -5.89
N GLY A 166 -21.38 2.05 -7.00
CA GLY A 166 -20.82 2.28 -8.33
C GLY A 166 -20.87 1.07 -9.23
N GLU A 167 -20.53 1.29 -10.48
CA GLU A 167 -20.40 0.22 -11.49
C GLU A 167 -18.99 0.25 -12.07
N GLY A 168 -18.49 -0.93 -12.46
CA GLY A 168 -17.10 -1.06 -12.89
C GLY A 168 -16.17 -0.72 -11.74
N TRP A 169 -15.03 -0.11 -12.09
CA TRP A 169 -13.93 0.11 -11.11
C TRP A 169 -13.45 1.54 -10.95
N ALA A 170 -13.81 2.46 -11.87
CA ALA A 170 -13.57 3.92 -11.72
C ALA A 170 -13.46 4.40 -10.23
N ASN A 171 -14.46 4.10 -9.39
CA ASN A 171 -14.48 4.56 -7.96
C ASN A 171 -13.76 3.63 -6.90
N THR A 172 -12.92 2.73 -7.40
CA THR A 172 -11.95 2.03 -6.55
C THR A 172 -10.72 2.89 -6.17
N LEU A 173 -10.51 3.96 -6.89
CA LEU A 173 -9.35 4.81 -6.71
C LEU A 173 -9.64 6.21 -6.21
N THR A 174 -10.89 6.47 -5.93
CA THR A 174 -11.31 7.78 -5.55
C THR A 174 -11.73 8.04 -4.13
N ALA A 175 -12.10 9.31 -3.97
CA ALA A 175 -12.63 9.91 -2.78
C ALA A 175 -13.69 9.02 -2.31
N SER A 176 -14.70 8.85 -3.14
CA SER A 176 -15.78 7.98 -2.78
C SER A 176 -15.43 6.57 -3.23
N LEU A 177 -15.19 5.70 -2.26
CA LEU A 177 -14.78 4.33 -2.56
C LEU A 177 -15.93 3.38 -2.75
N LYS A 178 -15.73 2.44 -3.65
CA LYS A 178 -16.71 1.44 -3.93
C LYS A 178 -17.02 0.56 -2.74
N TYR A 179 -16.03 0.15 -1.98
CA TYR A 179 -16.31 -0.70 -0.84
C TYR A 179 -15.96 0.04 0.45
N SER A 180 -16.95 0.51 1.18
CA SER A 180 -16.69 1.24 2.41
C SER A 180 -17.33 0.57 3.62
N LEU A 181 -16.75 0.83 4.77
CA LEU A 181 -17.24 0.34 6.00
C LEU A 181 -18.06 1.48 6.61
N ASP A 182 -19.32 1.20 6.89
CA ASP A 182 -20.19 2.22 7.42
C ASP A 182 -19.97 2.48 8.89
N VAL A 183 -20.57 3.59 9.34
CA VAL A 183 -20.42 4.04 10.70
C VAL A 183 -20.80 2.94 11.62
N GLU A 184 -21.75 2.15 11.16
CA GLU A 184 -22.23 1.05 11.96
C GLU A 184 -21.11 0.15 12.44
N THR A 185 -20.63 -0.64 11.51
CA THR A 185 -19.55 -1.60 11.72
C THR A 185 -18.30 -0.98 12.36
N MET A 186 -17.98 0.22 11.96
CA MET A 186 -16.81 0.90 12.50
C MET A 186 -16.86 1.18 14.00
N ARG A 187 -18.03 1.54 14.53
CA ARG A 187 -18.13 1.81 15.93
C ARG A 187 -17.69 0.64 16.75
N GLY A 188 -18.18 -0.57 16.41
CA GLY A 188 -17.85 -1.75 17.25
C GLY A 188 -16.37 -2.10 17.23
N LEU A 189 -15.86 -2.07 15.98
CA LEU A 189 -14.41 -2.25 15.70
C LEU A 189 -13.60 -1.37 16.64
N ILE A 190 -13.93 -0.10 16.57
CA ILE A 190 -13.17 0.87 17.32
C ILE A 190 -13.42 0.80 18.78
N GLU A 191 -14.64 0.46 19.24
CA GLU A 191 -14.78 0.27 20.69
C GLU A 191 -13.97 -0.85 21.16
N ARG A 192 -13.91 -1.89 20.31
CA ARG A 192 -13.20 -3.12 20.68
C ARG A 192 -11.69 -2.87 20.67
N ASN A 193 -11.24 -2.14 19.63
CA ASN A 193 -9.80 -2.17 19.29
C ASN A 193 -9.01 -0.84 19.32
N GLY A 194 -9.74 0.27 19.20
CA GLY A 194 -9.16 1.61 19.09
C GLY A 194 -8.69 1.94 17.66
N MET A 195 -7.89 3.02 17.58
CA MET A 195 -7.35 3.60 16.29
C MET A 195 -5.94 4.02 16.56
N VAL A 196 -5.08 3.80 15.52
CA VAL A 196 -3.72 4.16 15.56
C VAL A 196 -3.30 4.69 14.18
N ALA A 197 -2.53 5.78 14.21
CA ALA A 197 -2.01 6.38 12.93
C ALA A 197 -0.57 6.31 13.12
N PRO A 198 0.09 5.27 12.58
CA PRO A 198 1.52 5.14 12.77
C PRO A 198 2.26 6.30 12.17
N LYS A 199 3.26 6.75 12.87
CA LYS A 199 4.03 7.87 12.40
C LYS A 199 5.43 7.41 12.00
N GLY A 200 6.17 8.28 11.39
CA GLY A 200 7.62 7.97 11.17
C GLY A 200 8.32 8.91 10.30
N PRO A 201 9.63 8.85 10.34
CA PRO A 201 10.41 9.76 9.54
C PRO A 201 10.43 9.37 8.07
N ARG A 202 10.84 10.34 7.27
CA ARG A 202 11.03 10.14 5.85
C ARG A 202 11.97 8.95 5.69
N GLY A 203 11.62 8.08 4.74
CA GLY A 203 12.41 6.85 4.47
C GLY A 203 11.96 5.60 5.23
N SER A 204 10.98 5.76 6.16
CA SER A 204 10.39 4.63 6.79
C SER A 204 9.53 3.82 5.88
N VAL A 205 9.25 2.57 6.31
CA VAL A 205 8.31 1.73 5.66
C VAL A 205 7.27 1.20 6.64
N LEU A 206 6.08 1.37 6.21
CA LEU A 206 4.86 0.89 6.90
C LEU A 206 4.25 -0.30 6.17
N TRP A 207 4.37 -1.42 6.82
CA TRP A 207 3.77 -2.68 6.35
C TRP A 207 2.38 -2.83 6.91
N PHE A 208 1.46 -3.16 6.08
CA PHE A 208 0.11 -3.44 6.53
C PHE A 208 -0.62 -4.50 5.78
N ASP A 209 -1.45 -5.20 6.56
CA ASP A 209 -2.21 -6.39 6.08
C ASP A 209 -3.20 -6.07 5.12
N ALA A 210 -3.35 -6.93 4.12
CA ALA A 210 -4.36 -6.76 3.10
C ALA A 210 -5.82 -6.54 3.73
N ASN A 211 -6.06 -7.08 4.90
CA ASN A 211 -7.46 -6.97 5.49
C ASN A 211 -7.56 -5.94 6.60
N ILE A 212 -6.53 -5.12 6.83
CA ILE A 212 -6.67 -4.18 7.99
C ILE A 212 -7.53 -3.02 7.59
N PRO A 213 -8.54 -2.60 8.49
CA PRO A 213 -9.28 -1.45 8.10
C PRO A 213 -8.53 -0.20 8.21
N HIS A 214 -8.64 0.63 7.20
CA HIS A 214 -7.93 1.91 7.25
C HIS A 214 -8.62 3.06 6.56
N SER A 215 -8.13 4.25 6.92
CA SER A 215 -8.77 5.51 6.57
C SER A 215 -7.68 6.62 6.74
N SER A 216 -7.94 7.80 6.24
CA SER A 216 -7.03 8.92 6.50
C SER A 216 -7.78 10.24 6.32
N VAL A 217 -7.30 11.35 6.89
CA VAL A 217 -7.97 12.68 6.74
C VAL A 217 -7.12 13.61 5.97
N PRO A 218 -7.56 14.90 5.81
CA PRO A 218 -6.68 15.86 5.13
C PRO A 218 -5.44 16.30 5.78
N ASN A 219 -4.46 16.69 4.93
CA ASN A 219 -3.15 17.28 5.38
C ASN A 219 -3.37 18.79 5.64
N ILE A 220 -3.33 19.18 6.92
CA ILE A 220 -3.49 20.63 7.28
C ILE A 220 -2.11 21.21 7.57
N SER A 221 -1.08 20.42 7.27
CA SER A 221 0.24 20.85 7.53
C SER A 221 0.64 21.65 6.25
N PRO A 222 1.72 22.45 6.36
CA PRO A 222 2.39 23.04 5.19
C PRO A 222 3.39 22.03 4.50
N PHE A 223 3.28 20.73 4.82
CA PHE A 223 4.20 19.72 4.29
C PHE A 223 3.46 18.57 3.58
N ASP A 224 4.02 18.06 2.48
CA ASP A 224 3.40 16.98 1.73
C ASP A 224 3.42 15.64 2.44
N ARG A 225 2.57 14.75 2.02
CA ARG A 225 2.65 13.32 2.49
C ARG A 225 2.67 12.33 1.32
N GLY A 226 3.86 12.12 0.76
CA GLY A 226 3.88 11.25 -0.43
C GLY A 226 4.19 9.81 0.04
N LEU A 227 3.39 8.86 -0.43
CA LEU A 227 3.58 7.40 -0.10
C LEU A 227 3.75 6.55 -1.36
N VAL A 228 4.80 5.69 -1.40
CA VAL A 228 4.89 4.73 -2.49
C VAL A 228 4.41 3.38 -1.92
N LEU A 229 3.31 2.87 -2.41
CA LEU A 229 2.68 1.66 -1.88
C LEU A 229 2.87 0.48 -2.81
N ILE A 230 3.59 -0.52 -2.28
CA ILE A 230 3.81 -1.78 -3.09
C ILE A 230 3.03 -2.89 -2.43
N THR A 231 2.09 -3.46 -3.15
CA THR A 231 1.31 -4.57 -2.65
C THR A 231 1.92 -5.92 -3.15
N TYR A 232 2.46 -6.67 -2.23
CA TYR A 232 3.03 -7.98 -2.56
C TYR A 232 1.95 -9.00 -2.24
N ASN A 233 1.85 -9.94 -3.13
CA ASN A 233 1.02 -11.10 -2.96
C ASN A 233 1.81 -12.36 -3.01
N SER A 234 1.34 -13.32 -2.21
CA SER A 234 1.85 -14.72 -2.27
C SER A 234 1.67 -15.32 -3.66
N VAL A 235 2.71 -15.98 -4.21
CA VAL A 235 2.60 -16.65 -5.49
C VAL A 235 1.54 -17.76 -5.41
N GLU A 236 1.52 -18.52 -4.33
CA GLU A 236 0.46 -19.55 -4.19
C GLU A 236 -0.94 -18.89 -4.23
N ASN A 237 -1.02 -17.66 -3.70
CA ASN A 237 -2.27 -16.87 -3.68
C ASN A 237 -2.53 -16.09 -4.92
N LYS A 238 -1.88 -16.43 -6.04
CA LYS A 238 -2.06 -15.69 -7.25
C LYS A 238 -3.53 -15.47 -7.60
N THR A 239 -3.84 -14.33 -8.18
CA THR A 239 -5.26 -13.99 -8.40
C THR A 239 -5.75 -14.86 -9.54
N ASP A 240 -7.07 -15.09 -9.54
CA ASP A 240 -7.68 -15.91 -10.56
C ASP A 240 -8.04 -15.01 -11.72
N VAL A 241 -7.23 -15.10 -12.74
CA VAL A 241 -7.23 -14.12 -13.79
C VAL A 241 -8.58 -14.27 -14.61
N THR A 242 -9.25 -15.42 -14.50
CA THR A 242 -10.56 -15.58 -15.16
C THR A 242 -11.73 -14.83 -14.52
N ARG A 243 -11.62 -14.44 -13.24
CA ARG A 243 -12.52 -13.48 -12.57
C ARG A 243 -12.00 -12.03 -12.56
N GLY A 244 -10.97 -11.71 -13.33
CA GLY A 244 -10.37 -10.41 -13.23
C GLY A 244 -11.10 -9.41 -14.11
N THR A 245 -11.23 -8.18 -13.59
CA THR A 245 -11.97 -7.13 -14.28
C THR A 245 -11.21 -5.82 -14.56
N ARG A 246 -9.92 -5.71 -14.14
CA ARG A 246 -9.16 -4.44 -14.21
C ARG A 246 -7.90 -4.57 -15.02
N PRO A 247 -7.30 -3.46 -15.42
CA PRO A 247 -6.13 -3.59 -16.28
C PRO A 247 -4.86 -4.11 -15.48
N GLU A 248 -3.80 -4.45 -16.20
CA GLU A 248 -2.55 -4.97 -15.55
C GLU A 248 -1.95 -3.99 -14.58
N TRP A 249 -2.20 -2.70 -14.82
CA TRP A 249 -1.58 -1.63 -14.03
C TRP A 249 -2.33 -1.33 -12.84
N LEU A 250 -3.46 -2.02 -12.59
CA LEU A 250 -4.06 -2.16 -11.29
C LEU A 250 -3.98 -3.52 -10.65
N ALA A 251 -3.99 -4.57 -11.44
CA ALA A 251 -4.04 -5.92 -10.93
C ALA A 251 -3.13 -6.80 -11.79
N ALA A 252 -1.97 -7.19 -11.22
CA ALA A 252 -0.91 -7.79 -12.10
C ALA A 252 -1.37 -9.18 -12.60
N ARG A 253 -0.90 -9.59 -13.76
CA ARG A 253 -1.13 -10.94 -14.23
C ARG A 253 0.14 -11.76 -14.46
N ASP A 254 1.31 -11.17 -14.29
CA ASP A 254 2.55 -11.91 -14.44
C ASP A 254 2.98 -12.38 -13.04
N PHE A 255 2.81 -13.65 -12.76
CA PHE A 255 2.99 -14.22 -11.42
C PHE A 255 4.36 -14.81 -11.17
N THR A 256 5.32 -14.46 -11.96
CA THR A 256 6.67 -14.93 -11.80
C THR A 256 7.15 -14.54 -10.41
N PRO A 257 7.68 -15.51 -9.64
CA PRO A 257 8.28 -15.15 -8.36
C PRO A 257 9.43 -14.19 -8.46
N LEU A 258 9.40 -13.16 -7.65
CA LEU A 258 10.46 -12.20 -7.65
C LEU A 258 11.75 -12.69 -6.89
N THR A 259 12.89 -12.29 -7.49
CA THR A 259 14.18 -12.45 -6.83
C THR A 259 14.76 -11.11 -6.58
N ALA A 260 15.67 -11.07 -5.59
CA ALA A 260 16.22 -9.80 -5.11
C ALA A 260 17.24 -9.24 -6.00
N LEU A 261 17.31 -7.92 -6.01
CA LEU A 261 18.41 -7.28 -6.69
C LEU A 261 19.73 -7.68 -6.14
N GLN A 262 20.64 -7.97 -7.05
CA GLN A 262 22.04 -8.19 -6.64
C GLN A 262 22.90 -7.04 -7.04
N ALA A 263 24.00 -6.90 -6.35
CA ALA A 263 24.96 -5.83 -6.60
C ALA A 263 25.67 -6.07 -7.92
N THR A 264 25.75 -5.01 -8.68
CA THR A 264 26.45 -5.00 -9.89
C THR A 264 27.26 -3.67 -9.86
N SER A 265 28.18 -3.60 -10.81
CA SER A 265 29.01 -2.40 -11.06
C SER A 265 28.32 -1.27 -11.80
N PHE A 266 27.10 -1.44 -12.22
CA PHE A 266 26.27 -0.47 -12.83
C PHE A 266 24.77 -0.64 -12.40
N HYP B . -7.89 1.18 -3.75
CA HYP B . -7.17 -0.12 -3.96
C HYP B . -7.73 -0.88 -5.13
O HYP B . -7.29 -1.93 -5.61
CB HYP B . -7.28 -0.79 -2.59
CG HYP B . -7.44 0.41 -1.63
CD HYP B . -8.33 1.33 -2.43
OD1 HYP B . -6.17 1.11 -1.39
OXT HYP B . -8.69 -0.40 -5.73
#